data_5WJH
#
_entry.id   5WJH
#
_cell.length_a   68.257
_cell.length_b   68.257
_cell.length_c   106.417
_cell.angle_alpha   90.00
_cell.angle_beta   90.00
_cell.angle_gamma   90.00
#
_symmetry.space_group_name_H-M   'P 43 21 2'
#
loop_
_entity.id
_entity.type
_entity.pdbx_description
1 polymer 'Proteinase K'
2 non-polymer 'CALCIUM ION'
3 non-polymer '(CARBAMOYLMETHYL-CARBOXYMETHYL-AMINO)-ACETIC ACID'
4 water water
#
_entity_poly.entity_id   1
_entity_poly.type   'polypeptide(L)'
_entity_poly.pdbx_seq_one_letter_code
;AAQTNAPWGLARISSTSPGTSTYYYDESAGQGSCVYVIDTGIEASHPEFEGRAQMVKTYYYSSRDGNGHGTHCAGTVGSR
TYGVAKKTQLFGVKVLDDNGSGQYSTIIAGMDFVASDKNNRNCPKGVVASLSLGGGYSSSVNSAAARLQSSGVMVAVAAG
NNNADARNYSPASEPSVCTVGASDRYDRRSSFSNYGSVLDIFGPGTDILSTWIGGSTRSISGTSMATPHVAGLAAYLMTL
GKTTAASACRYIADTANKGDLSNIPFGTVNLLAYNNYQA
;
_entity_poly.pdbx_strand_id   A
#
# COMPACT_ATOMS: atom_id res chain seq x y z
N ALA A 1 12.90 12.92 -12.01
CA ALA A 1 12.33 14.02 -11.19
C ALA A 1 12.88 13.93 -9.77
N ALA A 2 12.77 15.04 -9.06
CA ALA A 2 13.24 15.06 -7.67
C ALA A 2 12.26 15.90 -6.83
N GLN A 3 11.80 15.31 -5.74
CA GLN A 3 11.04 16.07 -4.73
C GLN A 3 11.96 16.44 -3.54
N THR A 4 12.28 17.73 -3.41
CA THR A 4 13.15 18.22 -2.33
C THR A 4 12.39 18.20 -0.97
N ASN A 5 13.11 18.00 0.13
CA ASN A 5 12.53 17.92 1.49
C ASN A 5 11.24 17.00 1.57
N ALA A 6 11.34 15.78 1.01
CA ALA A 6 10.23 14.87 0.95
C ALA A 6 10.01 14.20 2.32
N PRO A 7 8.84 13.57 2.55
CA PRO A 7 8.69 12.75 3.77
C PRO A 7 9.78 11.69 3.75
N TRP A 8 10.29 11.30 4.93
CA TRP A 8 11.45 10.44 4.98
C TRP A 8 11.22 9.16 4.18
N GLY A 9 9.99 8.66 4.24
CA GLY A 9 9.69 7.33 3.63
C GLY A 9 9.91 7.37 2.11
N LEU A 10 9.47 8.46 1.48
CA LEU A 10 9.68 8.70 0.07
C LEU A 10 11.15 8.84 -0.24
N ALA A 11 11.86 9.64 0.54
CA ALA A 11 13.25 9.67 0.32
C ALA A 11 13.86 8.27 0.45
N ARG A 12 13.34 7.44 1.37
CA ARG A 12 13.96 6.18 1.73
C ARG A 12 13.83 5.17 0.60
N ILE A 13 12.71 5.20 -0.12
CA ILE A 13 12.50 4.25 -1.20
C ILE A 13 13.30 4.62 -2.45
N SER A 14 13.90 5.83 -2.50
CA SER A 14 14.77 6.19 -3.63
C SER A 14 16.29 6.24 -3.26
N SER A 15 16.62 5.69 -2.10
CA SER A 15 17.99 5.69 -1.65
C SER A 15 18.47 4.33 -1.21
N THR A 16 19.79 4.10 -1.27
CA THR A 16 20.34 2.87 -0.70
C THR A 16 20.73 3.08 0.75
N SER A 17 20.67 4.32 1.23
CA SER A 17 21.04 4.58 2.65
C SER A 17 19.93 5.38 3.37
N PRO A 18 19.79 5.22 4.70
CA PRO A 18 18.78 6.01 5.39
C PRO A 18 19.27 7.43 5.62
N GLY A 19 18.37 8.36 5.94
CA GLY A 19 18.83 9.73 6.28
C GLY A 19 18.87 10.79 5.18
N THR A 20 18.40 10.46 3.98
CA THR A 20 18.37 11.41 2.87
C THR A 20 17.03 12.14 2.84
N SER A 21 16.93 13.21 2.05
CA SER A 21 15.74 14.06 2.03
C SER A 21 15.07 14.28 0.66
N THR A 22 15.70 13.86 -0.45
CA THR A 22 15.07 14.06 -1.74
C THR A 22 14.52 12.68 -2.16
N TYR A 23 13.29 12.73 -2.62
CA TYR A 23 12.69 11.60 -3.32
C TYR A 23 12.95 11.73 -4.86
N TYR A 24 13.79 10.81 -5.39
CA TYR A 24 14.05 10.79 -6.83
C TYR A 24 13.26 9.69 -7.46
N TYR A 25 12.55 10.03 -8.54
CA TYR A 25 11.65 9.09 -9.22
C TYR A 25 11.52 9.49 -10.69
N ASP A 26 11.17 8.55 -11.57
CA ASP A 26 10.82 8.86 -12.95
C ASP A 26 9.54 9.62 -13.05
N GLU A 27 9.54 10.68 -13.86
CA GLU A 27 8.38 11.56 -14.07
C GLU A 27 7.09 10.89 -14.55
N SER A 28 7.16 9.70 -15.16
CA SER A 28 5.91 9.04 -15.52
C SER A 28 4.96 8.86 -14.30
N ALA A 29 5.57 8.64 -13.13
CA ALA A 29 4.85 8.73 -11.78
C ALA A 29 3.61 7.87 -11.64
N GLY A 30 3.55 6.68 -12.28
CA GLY A 30 2.35 5.86 -12.12
C GLY A 30 1.23 6.23 -13.07
N GLN A 31 1.50 7.16 -14.00
CA GLN A 31 0.46 7.55 -14.93
CA GLN A 31 0.52 7.56 -14.98
C GLN A 31 0.01 6.32 -15.71
N GLY A 32 -1.30 6.19 -15.85
CA GLY A 32 -1.93 5.04 -16.56
C GLY A 32 -2.14 3.79 -15.71
N SER A 33 -1.60 3.82 -14.50
CA SER A 33 -1.95 2.78 -13.50
C SER A 33 -3.16 3.17 -12.62
N CYS A 34 -3.68 2.20 -11.93
CA CYS A 34 -4.75 2.40 -10.96
C CYS A 34 -4.50 1.63 -9.69
N VAL A 35 -4.75 2.29 -8.57
CA VAL A 35 -4.57 1.67 -7.20
C VAL A 35 -5.89 1.80 -6.46
N TYR A 36 -6.49 0.66 -6.14
CA TYR A 36 -7.66 0.58 -5.26
C TYR A 36 -7.17 0.58 -3.80
N VAL A 37 -7.56 1.58 -3.03
CA VAL A 37 -7.28 1.64 -1.60
C VAL A 37 -8.53 1.14 -0.87
N ILE A 38 -8.42 -0.02 -0.26
CA ILE A 38 -9.60 -0.66 0.34
C ILE A 38 -9.50 -0.43 1.84
N ASP A 39 -10.35 0.46 2.33
CA ASP A 39 -10.06 1.03 3.67
C ASP A 39 -11.30 1.77 4.20
N THR A 40 -11.10 2.82 4.99
CA THR A 40 -12.21 3.65 5.53
C THR A 40 -12.75 4.64 4.48
N GLY A 41 -12.25 4.61 3.25
CA GLY A 41 -12.63 5.66 2.27
C GLY A 41 -11.51 6.57 1.90
N ILE A 42 -11.76 7.52 0.99
CA ILE A 42 -10.77 8.48 0.58
C ILE A 42 -11.51 9.82 0.49
N GLU A 43 -10.96 10.84 1.14
CA GLU A 43 -11.51 12.21 0.94
C GLU A 43 -11.01 12.72 -0.44
N ALA A 44 -11.75 12.36 -1.50
CA ALA A 44 -11.26 12.68 -2.86
C ALA A 44 -11.21 14.19 -3.16
N SER A 45 -11.94 14.99 -2.37
CA SER A 45 -11.88 16.44 -2.54
C SER A 45 -10.56 17.10 -2.08
N HIS A 46 -9.74 16.38 -1.30
CA HIS A 46 -8.49 16.92 -0.82
C HIS A 46 -7.67 17.41 -1.99
N PRO A 47 -7.19 18.68 -1.96
CA PRO A 47 -6.37 19.24 -3.05
C PRO A 47 -5.14 18.40 -3.41
N GLU A 48 -4.57 17.73 -2.43
CA GLU A 48 -3.47 16.80 -2.63
C GLU A 48 -3.71 15.67 -3.66
N PHE A 49 -4.99 15.38 -3.94
CA PHE A 49 -5.36 14.29 -4.88
C PHE A 49 -5.55 14.81 -6.30
N GLU A 50 -5.64 16.16 -6.46
CA GLU A 50 -5.54 16.80 -7.78
C GLU A 50 -6.60 16.28 -8.78
N GLY A 51 -7.74 15.83 -8.24
CA GLY A 51 -8.83 15.20 -9.02
C GLY A 51 -8.54 13.77 -9.41
N ARG A 52 -7.39 13.25 -8.98
CA ARG A 52 -7.03 11.85 -9.40
C ARG A 52 -7.65 10.79 -8.48
N ALA A 53 -8.50 11.22 -7.51
CA ALA A 53 -9.13 10.26 -6.60
C ALA A 53 -10.64 10.18 -6.71
N GLN A 54 -11.17 8.98 -6.66
CA GLN A 54 -12.61 8.85 -6.56
C GLN A 54 -13.09 7.66 -5.76
N MET A 55 -14.15 7.85 -4.99
CA MET A 55 -14.86 6.74 -4.38
C MET A 55 -15.59 5.93 -5.41
N VAL A 56 -15.43 4.60 -5.36
CA VAL A 56 -16.22 3.76 -6.28
C VAL A 56 -17.20 2.82 -5.59
N LYS A 57 -17.07 2.66 -4.28
CA LYS A 57 -17.88 1.70 -3.56
C LYS A 57 -17.79 1.97 -2.04
N THR A 58 -18.95 1.92 -1.43
CA THR A 58 -19.03 1.87 0.05
C THR A 58 -19.94 0.77 0.50
N TYR A 59 -19.64 0.22 1.68
CA TYR A 59 -20.47 -0.81 2.32
C TYR A 59 -21.26 -0.26 3.53
N TYR A 60 -21.20 1.06 3.72
CA TYR A 60 -21.88 1.81 4.81
C TYR A 60 -22.81 2.90 4.28
N TYR A 61 -23.50 3.59 5.22
CA TYR A 61 -24.49 4.61 4.83
CA TYR A 61 -24.46 4.68 4.93
C TYR A 61 -23.85 5.79 4.09
N SER A 62 -22.53 5.97 4.22
CA SER A 62 -21.79 6.99 3.50
C SER A 62 -20.50 6.46 2.87
N SER A 63 -20.12 7.09 1.77
CA SER A 63 -18.84 6.83 1.15
C SER A 63 -17.71 7.76 1.66
N ARG A 64 -18.07 8.71 2.55
CA ARG A 64 -17.12 9.64 3.20
CA ARG A 64 -17.07 9.62 3.11
C ARG A 64 -16.14 8.92 4.12
N ASP A 65 -14.86 9.34 4.06
CA ASP A 65 -13.89 8.89 5.06
C ASP A 65 -14.15 9.75 6.34
N GLY A 66 -14.85 9.17 7.30
CA GLY A 66 -15.10 9.83 8.62
C GLY A 66 -14.00 9.53 9.61
N ASN A 67 -12.93 8.90 9.13
CA ASN A 67 -11.87 8.41 10.05
C ASN A 67 -10.53 9.03 9.76
N GLY A 68 -10.11 9.01 8.49
CA GLY A 68 -8.85 9.57 8.11
C GLY A 68 -7.85 8.51 7.68
N HIS A 69 -7.99 7.28 8.20
CA HIS A 69 -7.01 6.18 7.91
C HIS A 69 -6.90 5.94 6.36
N GLY A 70 -8.03 5.72 5.67
CA GLY A 70 -7.99 5.49 4.22
C GLY A 70 -7.44 6.67 3.43
N THR A 71 -7.73 7.91 3.87
CA THR A 71 -7.20 9.09 3.19
C THR A 71 -5.67 9.23 3.34
N HIS A 72 -5.19 8.89 4.53
CA HIS A 72 -3.76 8.79 4.81
C HIS A 72 -3.07 7.77 3.91
N CYS A 73 -3.60 6.55 3.89
CA CYS A 73 -3.07 5.47 3.06
C CYS A 73 -3.11 5.85 1.55
N ALA A 74 -4.25 6.37 1.11
CA ALA A 74 -4.34 6.83 -0.31
C ALA A 74 -3.35 7.91 -0.63
N GLY A 75 -3.06 8.80 0.34
CA GLY A 75 -2.10 9.87 0.11
C GLY A 75 -0.71 9.32 -0.04
N THR A 76 -0.34 8.26 0.72
CA THR A 76 1.02 7.65 0.58
C THR A 76 1.20 6.94 -0.77
N VAL A 77 0.11 6.37 -1.26
CA VAL A 77 0.06 5.85 -2.66
C VAL A 77 0.32 6.93 -3.71
N GLY A 78 -0.44 8.03 -3.70
CA GLY A 78 -0.53 8.83 -4.91
C GLY A 78 -0.85 10.31 -4.74
N SER A 79 -0.78 10.83 -3.50
CA SER A 79 -0.94 12.32 -3.37
C SER A 79 0.28 13.08 -3.98
N ARG A 80 0.05 14.35 -4.39
CA ARG A 80 1.14 15.11 -5.02
C ARG A 80 2.40 15.22 -4.10
N THR A 81 2.18 15.51 -2.81
CA THR A 81 3.29 15.79 -1.87
C THR A 81 3.70 14.53 -1.08
N TYR A 82 2.75 13.62 -0.80
CA TYR A 82 3.04 12.53 0.17
C TYR A 82 3.13 11.17 -0.51
N GLY A 83 2.89 11.12 -1.82
CA GLY A 83 2.68 9.85 -2.56
C GLY A 83 3.89 9.35 -3.34
N VAL A 84 4.00 8.02 -3.45
CA VAL A 84 5.05 7.40 -4.24
C VAL A 84 4.76 7.57 -5.74
N ALA A 85 3.51 7.40 -6.12
CA ALA A 85 3.09 7.39 -7.57
C ALA A 85 2.16 8.54 -7.82
N LYS A 86 2.79 9.70 -8.11
CA LYS A 86 2.05 11.00 -8.05
C LYS A 86 0.99 11.22 -9.15
N LYS A 87 0.98 10.32 -10.17
CA LYS A 87 0.08 10.48 -11.32
C LYS A 87 -0.80 9.27 -11.50
N THR A 88 -0.79 8.42 -10.48
CA THR A 88 -1.71 7.29 -10.46
C THR A 88 -3.16 7.65 -10.22
N GLN A 89 -4.05 6.81 -10.73
CA GLN A 89 -5.45 6.95 -10.45
C GLN A 89 -5.77 6.17 -9.18
N LEU A 90 -6.45 6.84 -8.25
CA LEU A 90 -6.83 6.20 -6.99
C LEU A 90 -8.31 5.97 -6.95
N PHE A 91 -8.71 4.76 -6.53
CA PHE A 91 -10.09 4.39 -6.34
C PHE A 91 -10.33 3.99 -4.91
N GLY A 92 -11.37 4.53 -4.27
CA GLY A 92 -11.71 4.17 -2.85
C GLY A 92 -12.82 3.13 -2.74
N VAL A 93 -12.55 2.10 -1.95
CA VAL A 93 -13.54 1.11 -1.62
C VAL A 93 -13.63 1.10 -0.10
N LYS A 94 -14.77 1.53 0.43
CA LYS A 94 -14.94 1.69 1.91
C LYS A 94 -15.49 0.44 2.53
N VAL A 95 -14.58 -0.41 3.03
CA VAL A 95 -14.97 -1.63 3.68
C VAL A 95 -14.90 -1.49 5.22
N LEU A 96 -14.27 -0.39 5.67
CA LEU A 96 -14.09 -0.14 7.10
C LEU A 96 -14.97 1.05 7.48
N ASP A 97 -15.55 0.97 8.67
CA ASP A 97 -16.40 2.06 9.11
C ASP A 97 -15.56 3.15 9.66
N ASP A 98 -16.24 4.17 10.16
CA ASP A 98 -15.51 5.34 10.59
C ASP A 98 -14.76 5.14 11.93
N ASN A 99 -14.93 3.99 12.57
CA ASN A 99 -14.06 3.63 13.70
C ASN A 99 -12.92 2.79 13.28
N GLY A 100 -12.86 2.51 11.96
CA GLY A 100 -11.82 1.64 11.40
C GLY A 100 -12.07 0.16 11.47
N SER A 101 -13.29 -0.26 11.76
CA SER A 101 -13.57 -1.69 11.90
C SER A 101 -14.32 -2.12 10.66
N GLY A 102 -14.21 -3.39 10.31
CA GLY A 102 -15.12 -3.98 9.32
C GLY A 102 -15.18 -5.49 9.51
N GLN A 103 -16.34 -6.07 9.28
CA GLN A 103 -16.56 -7.48 9.34
C GLN A 103 -15.81 -8.13 8.16
N TYR A 104 -15.33 -9.35 8.37
CA TYR A 104 -14.61 -10.05 7.31
C TYR A 104 -15.53 -10.26 6.08
N SER A 105 -16.77 -10.61 6.30
CA SER A 105 -17.71 -10.73 5.16
C SER A 105 -17.68 -9.49 4.22
N THR A 106 -17.61 -8.30 4.83
CA THR A 106 -17.55 -7.02 4.08
C THR A 106 -16.22 -6.85 3.32
N ILE A 107 -15.12 -7.13 4.01
CA ILE A 107 -13.85 -7.04 3.43
C ILE A 107 -13.75 -7.99 2.22
N ILE A 108 -14.13 -9.26 2.39
CA ILE A 108 -14.17 -10.19 1.28
C ILE A 108 -15.04 -9.67 0.11
N ALA A 109 -16.27 -9.24 0.39
CA ALA A 109 -17.09 -8.59 -0.67
C ALA A 109 -16.33 -7.43 -1.39
N GLY A 110 -15.55 -6.61 -0.64
CA GLY A 110 -14.80 -5.56 -1.26
C GLY A 110 -13.73 -6.09 -2.21
N MET A 111 -13.02 -7.15 -1.77
CA MET A 111 -12.02 -7.72 -2.65
C MET A 111 -12.68 -8.26 -3.96
N ASP A 112 -13.74 -9.08 -3.85
CA ASP A 112 -14.45 -9.55 -5.08
CA ASP A 112 -14.62 -9.53 -4.99
C ASP A 112 -14.99 -8.38 -5.91
N PHE A 113 -15.40 -7.25 -5.26
CA PHE A 113 -15.83 -6.05 -5.98
C PHE A 113 -14.72 -5.49 -6.90
N VAL A 114 -13.49 -5.37 -6.36
CA VAL A 114 -12.40 -4.82 -7.12
C VAL A 114 -12.05 -5.75 -8.31
N ALA A 115 -12.03 -7.08 -8.06
CA ALA A 115 -11.70 -8.06 -9.17
C ALA A 115 -12.63 -7.86 -10.40
N SER A 116 -13.86 -7.47 -10.13
CA SER A 116 -14.83 -7.17 -11.20
C SER A 116 -14.74 -5.74 -11.69
N ASP A 117 -14.65 -4.77 -10.77
CA ASP A 117 -14.77 -3.37 -11.13
C ASP A 117 -13.62 -2.88 -12.03
N LYS A 118 -12.42 -3.46 -11.90
CA LYS A 118 -11.32 -3.05 -12.66
C LYS A 118 -11.66 -3.21 -14.14
N ASN A 119 -12.64 -4.08 -14.44
CA ASN A 119 -13.07 -4.25 -15.84
C ASN A 119 -13.89 -3.09 -16.40
N ASN A 120 -14.36 -2.18 -15.53
N ASN A 120 -14.36 -2.23 -15.48
CA ASN A 120 -15.05 -0.97 -16.02
CA ASN A 120 -15.10 -0.98 -15.79
C ASN A 120 -14.20 0.28 -15.92
C ASN A 120 -14.18 0.20 -16.12
N ARG A 121 -12.88 0.09 -15.78
CA ARG A 121 -11.97 1.24 -15.66
C ARG A 121 -10.82 1.17 -16.66
N ASN A 122 -10.43 2.35 -17.19
CA ASN A 122 -9.23 2.48 -18.01
C ASN A 122 -7.97 2.52 -17.17
N CYS A 123 -7.25 1.41 -17.16
CA CYS A 123 -6.04 1.23 -16.40
C CYS A 123 -5.03 0.55 -17.33
N PRO A 124 -4.67 1.22 -18.42
CA PRO A 124 -3.77 0.49 -19.37
C PRO A 124 -2.39 -0.03 -18.87
N LYS A 125 -1.84 0.51 -17.75
CA LYS A 125 -0.57 0.10 -17.19
C LYS A 125 -0.76 -0.93 -16.08
N GLY A 126 -2.02 -1.21 -15.73
CA GLY A 126 -2.33 -2.20 -14.71
C GLY A 126 -2.94 -1.68 -13.42
N VAL A 127 -3.29 -2.65 -12.56
CA VAL A 127 -4.12 -2.45 -11.39
C VAL A 127 -3.45 -2.99 -10.14
N VAL A 128 -3.44 -2.17 -9.08
CA VAL A 128 -2.91 -2.54 -7.76
C VAL A 128 -4.05 -2.42 -6.72
N ALA A 129 -3.99 -3.20 -5.61
CA ALA A 129 -4.97 -3.02 -4.55
C ALA A 129 -4.12 -2.96 -3.27
N SER A 130 -4.42 -1.97 -2.41
CA SER A 130 -3.67 -1.80 -1.17
C SER A 130 -4.63 -2.07 -0.03
N LEU A 131 -4.30 -3.05 0.84
CA LEU A 131 -5.17 -3.43 1.95
CA LEU A 131 -5.16 -3.43 1.96
C LEU A 131 -4.42 -3.23 3.29
N SER A 132 -4.60 -2.04 3.88
CA SER A 132 -4.02 -1.76 5.21
C SER A 132 -5.08 -2.16 6.25
N LEU A 133 -5.39 -3.46 6.30
CA LEU A 133 -6.32 -3.99 7.28
C LEU A 133 -5.96 -5.46 7.62
N GLY A 134 -6.65 -6.00 8.61
CA GLY A 134 -6.51 -7.43 8.88
C GLY A 134 -7.05 -7.78 10.25
N GLY A 135 -7.12 -9.06 10.51
CA GLY A 135 -7.42 -9.56 11.86
C GLY A 135 -6.82 -10.93 11.99
N GLY A 136 -7.40 -11.74 12.86
CA GLY A 136 -6.91 -13.11 13.07
C GLY A 136 -7.09 -13.98 11.81
N TYR A 137 -6.43 -15.13 11.82
CA TYR A 137 -6.33 -16.00 10.67
C TYR A 137 -7.70 -16.34 10.13
N SER A 138 -7.91 -16.23 8.81
CA SER A 138 -9.23 -16.64 8.20
C SER A 138 -8.88 -17.18 6.84
N SER A 139 -9.24 -18.43 6.62
CA SER A 139 -8.91 -19.03 5.31
C SER A 139 -9.79 -18.37 4.23
N SER A 140 -11.03 -17.97 4.57
CA SER A 140 -11.91 -17.29 3.61
CA SER A 140 -11.91 -17.28 3.62
C SER A 140 -11.38 -15.90 3.23
N VAL A 141 -10.78 -15.21 4.21
CA VAL A 141 -10.19 -13.88 3.93
C VAL A 141 -8.96 -14.06 3.02
N ASN A 142 -8.14 -15.09 3.33
CA ASN A 142 -6.96 -15.35 2.58
C ASN A 142 -7.36 -15.74 1.16
N SER A 143 -8.43 -16.50 1.03
CA SER A 143 -8.92 -16.98 -0.25
CA SER A 143 -8.85 -16.96 -0.28
C SER A 143 -9.34 -15.78 -1.13
N ALA A 144 -10.05 -14.85 -0.54
CA ALA A 144 -10.44 -13.67 -1.26
C ALA A 144 -9.27 -12.84 -1.75
N ALA A 145 -8.20 -12.74 -0.94
CA ALA A 145 -7.01 -11.96 -1.36
C ALA A 145 -6.31 -12.71 -2.51
N ALA A 146 -6.28 -14.07 -2.40
CA ALA A 146 -5.69 -14.90 -3.50
C ALA A 146 -6.49 -14.75 -4.83
N ARG A 147 -7.83 -14.77 -4.78
CA ARG A 147 -8.65 -14.48 -6.00
C ARG A 147 -8.33 -13.12 -6.60
N LEU A 148 -8.24 -12.09 -5.74
CA LEU A 148 -7.97 -10.77 -6.23
C LEU A 148 -6.63 -10.71 -7.01
N GLN A 149 -5.63 -11.34 -6.41
CA GLN A 149 -4.32 -11.41 -7.01
C GLN A 149 -4.42 -12.22 -8.34
N SER A 150 -5.05 -13.40 -8.29
CA SER A 150 -5.21 -14.26 -9.49
C SER A 150 -5.97 -13.55 -10.63
N SER A 151 -6.85 -12.62 -10.29
CA SER A 151 -7.64 -11.92 -11.32
C SER A 151 -6.82 -10.86 -12.10
N GLY A 152 -5.62 -10.57 -11.62
CA GLY A 152 -4.69 -9.77 -12.33
C GLY A 152 -4.47 -8.44 -11.63
N VAL A 153 -4.51 -8.42 -10.30
CA VAL A 153 -4.30 -7.18 -9.54
C VAL A 153 -3.16 -7.45 -8.66
N MET A 154 -2.23 -6.50 -8.56
CA MET A 154 -1.12 -6.61 -7.65
C MET A 154 -1.66 -6.30 -6.27
N VAL A 155 -1.84 -7.34 -5.42
CA VAL A 155 -2.31 -7.14 -4.01
C VAL A 155 -1.16 -6.99 -2.96
N ALA A 156 -1.19 -5.87 -2.26
CA ALA A 156 -0.26 -5.54 -1.20
C ALA A 156 -1.12 -5.45 0.09
N VAL A 157 -0.70 -6.15 1.16
CA VAL A 157 -1.46 -6.19 2.41
C VAL A 157 -0.52 -5.97 3.62
N ALA A 158 -1.06 -5.35 4.68
CA ALA A 158 -0.26 -5.00 5.88
C ALA A 158 0.13 -6.32 6.62
N ALA A 159 1.40 -6.46 7.10
CA ALA A 159 1.75 -7.67 7.91
C ALA A 159 1.01 -7.73 9.27
N GLY A 160 0.57 -6.55 9.74
CA GLY A 160 -0.04 -6.33 11.05
C GLY A 160 0.86 -5.76 12.13
N ASN A 161 0.23 -5.24 13.20
CA ASN A 161 0.98 -4.45 14.22
C ASN A 161 1.03 -5.12 15.59
N ASN A 162 1.29 -6.43 15.56
CA ASN A 162 1.22 -7.20 16.80
C ASN A 162 2.59 -7.63 17.38
N ASN A 163 3.68 -7.17 16.71
CA ASN A 163 5.03 -7.62 16.97
C ASN A 163 5.01 -9.14 17.15
N ALA A 164 4.46 -9.87 16.15
CA ALA A 164 4.28 -11.32 16.21
C ALA A 164 4.39 -11.87 14.78
N ASP A 165 4.35 -13.20 14.65
CA ASP A 165 4.49 -13.81 13.39
C ASP A 165 3.12 -13.63 12.66
N ALA A 166 3.20 -13.06 11.47
CA ALA A 166 2.05 -12.79 10.62
C ALA A 166 1.30 -14.05 10.16
N ARG A 167 1.89 -15.23 10.29
CA ARG A 167 1.19 -16.49 9.99
C ARG A 167 -0.20 -16.59 10.65
N ASN A 168 -0.40 -15.87 11.77
CA ASN A 168 -1.63 -15.95 12.57
C ASN A 168 -2.64 -14.80 12.30
N TYR A 169 -2.39 -14.06 11.21
CA TYR A 169 -3.25 -12.96 10.77
C TYR A 169 -3.64 -13.03 9.29
N SER A 170 -4.78 -12.43 8.98
CA SER A 170 -5.25 -12.40 7.58
C SER A 170 -5.68 -10.99 7.15
N PRO A 171 -5.50 -10.60 5.88
CA PRO A 171 -4.89 -11.39 4.80
C PRO A 171 -3.37 -11.52 4.78
N ALA A 172 -2.66 -11.04 5.85
CA ALA A 172 -1.19 -11.07 5.91
C ALA A 172 -0.60 -12.45 5.57
N SER A 173 -1.28 -13.49 6.05
CA SER A 173 -0.76 -14.87 5.99
C SER A 173 -1.03 -15.56 4.61
N GLU A 174 -1.80 -14.92 3.73
CA GLU A 174 -1.98 -15.47 2.38
C GLU A 174 -0.64 -15.43 1.58
N PRO A 175 -0.04 -16.57 1.26
CA PRO A 175 1.27 -16.46 0.59
C PRO A 175 1.29 -15.77 -0.80
N SER A 176 0.21 -15.86 -1.59
CA SER A 176 0.25 -15.32 -2.98
C SER A 176 0.21 -13.78 -3.16
N VAL A 177 -0.10 -13.10 -2.06
CA VAL A 177 -0.13 -11.63 -2.13
C VAL A 177 1.18 -11.07 -1.64
N CYS A 178 1.31 -9.72 -1.60
CA CYS A 178 2.56 -9.13 -1.11
C CYS A 178 2.36 -8.63 0.32
N THR A 179 2.96 -9.29 1.32
CA THR A 179 2.73 -8.95 2.72
C THR A 179 3.87 -8.04 3.19
N VAL A 180 3.52 -6.86 3.70
CA VAL A 180 4.49 -5.72 3.94
C VAL A 180 4.63 -5.45 5.45
N GLY A 181 5.86 -5.57 5.95
CA GLY A 181 6.20 -5.12 7.31
C GLY A 181 6.68 -3.68 7.32
N ALA A 182 6.87 -3.15 8.53
CA ALA A 182 7.15 -1.71 8.67
C ALA A 182 8.53 -1.48 9.21
N SER A 183 9.20 -0.45 8.69
CA SER A 183 10.48 0.04 9.28
C SER A 183 10.41 1.50 9.70
N ASP A 184 11.43 1.91 10.42
CA ASP A 184 11.50 3.34 10.85
C ASP A 184 12.65 4.08 10.16
N ARG A 185 12.78 5.38 10.39
CA ARG A 185 13.67 6.16 9.57
C ARG A 185 15.16 5.86 9.88
N TYR A 186 15.41 5.10 10.94
CA TYR A 186 16.78 4.63 11.26
C TYR A 186 17.05 3.22 10.76
N ASP A 187 16.17 2.74 9.89
CA ASP A 187 16.29 1.35 9.36
C ASP A 187 16.17 0.27 10.45
N ARG A 188 15.37 0.51 11.46
CA ARG A 188 15.06 -0.60 12.36
C ARG A 188 13.72 -1.19 11.92
N ARG A 189 13.49 -2.47 12.15
CA ARG A 189 12.10 -2.96 12.12
C ARG A 189 11.27 -2.11 13.15
N SER A 190 10.12 -1.60 12.71
CA SER A 190 9.24 -0.86 13.57
C SER A 190 8.84 -1.74 14.75
N SER A 191 8.68 -1.09 15.90
CA SER A 191 8.50 -1.83 17.16
C SER A 191 7.32 -2.74 17.16
N PHE A 192 6.27 -2.35 16.42
CA PHE A 192 4.95 -3.02 16.37
C PHE A 192 4.84 -3.99 15.21
N SER A 193 5.78 -3.93 14.27
CA SER A 193 5.67 -4.71 13.02
C SER A 193 5.66 -6.19 13.28
N ASN A 194 4.68 -6.82 12.72
CA ASN A 194 4.77 -8.27 12.59
C ASN A 194 5.93 -8.73 11.74
N TYR A 195 6.26 -10.03 11.81
CA TYR A 195 7.44 -10.55 11.12
C TYR A 195 7.03 -12.00 10.75
N GLY A 196 7.99 -12.77 10.27
CA GLY A 196 7.68 -14.14 9.92
C GLY A 196 8.08 -14.44 8.52
N SER A 197 8.21 -15.73 8.21
CA SER A 197 8.51 -16.17 6.83
C SER A 197 7.57 -15.69 5.71
N VAL A 198 6.30 -15.43 6.06
CA VAL A 198 5.33 -15.01 5.01
C VAL A 198 5.58 -13.52 4.53
N LEU A 199 6.26 -12.69 5.34
CA LEU A 199 6.58 -11.30 4.81
C LEU A 199 7.37 -11.38 3.51
N ASP A 200 7.01 -10.48 2.57
CA ASP A 200 7.74 -10.38 1.34
C ASP A 200 8.76 -9.29 1.35
N ILE A 201 8.47 -8.21 2.08
CA ILE A 201 9.17 -6.94 1.87
C ILE A 201 8.82 -6.04 3.02
N PHE A 202 9.73 -5.09 3.33
CA PHE A 202 9.42 -4.02 4.31
C PHE A 202 9.27 -2.68 3.56
N GLY A 203 8.40 -1.80 4.06
CA GLY A 203 8.49 -0.42 3.68
C GLY A 203 8.41 0.52 4.90
N PRO A 204 8.58 1.81 4.64
CA PRO A 204 8.53 2.87 5.71
C PRO A 204 7.20 2.90 6.42
N GLY A 205 7.16 2.83 7.77
CA GLY A 205 5.85 2.68 8.47
C GLY A 205 5.77 3.41 9.79
N THR A 206 6.89 3.86 10.30
CA THR A 206 6.93 4.72 11.46
C THR A 206 7.02 6.21 11.16
N ASP A 207 6.05 6.97 11.69
CA ASP A 207 6.05 8.43 11.64
C ASP A 207 5.95 8.88 10.20
N ILE A 208 4.82 8.52 9.57
CA ILE A 208 4.64 8.71 8.12
C ILE A 208 3.67 9.91 7.85
N LEU A 209 4.18 10.96 7.22
CA LEU A 209 3.35 12.18 6.97
C LEU A 209 2.55 11.89 5.71
N SER A 210 1.26 12.15 5.79
CA SER A 210 0.37 11.99 4.63
C SER A 210 -0.87 12.82 4.77
N THR A 211 -1.76 12.69 3.80
CA THR A 211 -3.04 13.42 3.85
C THR A 211 -3.97 12.94 4.94
N TRP A 212 -4.82 13.86 5.40
CA TRP A 212 -5.85 13.56 6.41
C TRP A 212 -7.15 14.25 6.05
N ILE A 213 -8.25 13.82 6.68
CA ILE A 213 -9.60 14.32 6.40
C ILE A 213 -9.68 15.79 6.87
N GLY A 214 -10.72 16.50 6.42
CA GLY A 214 -10.76 17.95 6.63
C GLY A 214 -9.67 18.71 5.87
N GLY A 215 -9.18 18.19 4.74
CA GLY A 215 -8.17 18.92 3.96
C GLY A 215 -6.83 19.09 4.66
N SER A 216 -6.49 18.17 5.56
CA SER A 216 -5.36 18.37 6.48
CA SER A 216 -5.39 18.34 6.50
C SER A 216 -4.30 17.29 6.23
N THR A 217 -3.31 17.21 7.13
CA THR A 217 -2.21 16.26 7.05
C THR A 217 -1.85 15.84 8.47
N ARG A 218 -1.34 14.64 8.62
CA ARG A 218 -0.72 14.22 9.87
C ARG A 218 0.21 13.04 9.69
N SER A 219 1.05 12.85 10.69
CA SER A 219 1.95 11.71 10.79
CA SER A 219 1.92 11.69 10.75
C SER A 219 1.38 10.60 11.66
N ILE A 220 1.34 9.38 11.14
CA ILE A 220 0.91 8.25 11.99
C ILE A 220 1.79 7.05 11.64
N SER A 221 1.67 5.96 12.41
CA SER A 221 2.54 4.80 12.25
C SER A 221 1.76 3.50 12.19
N GLY A 222 2.28 2.54 11.43
CA GLY A 222 1.67 1.23 11.29
C GLY A 222 2.10 0.49 10.03
N THR A 223 1.91 -0.85 10.04
CA THR A 223 2.17 -1.57 8.81
C THR A 223 1.10 -1.08 7.79
N SER A 224 0.01 -0.47 8.27
CA SER A 224 -0.90 0.22 7.38
C SER A 224 -0.20 1.32 6.50
N MET A 225 0.87 1.96 6.97
CA MET A 225 1.56 3.07 6.29
C MET A 225 2.64 2.52 5.41
N ALA A 226 3.16 1.33 5.73
CA ALA A 226 4.20 0.75 4.87
C ALA A 226 3.56 0.16 3.58
N THR A 227 2.39 -0.45 3.77
CA THR A 227 1.69 -1.15 2.69
C THR A 227 1.48 -0.20 1.45
N PRO A 228 0.99 1.04 1.67
CA PRO A 228 0.77 1.93 0.47
C PRO A 228 2.04 2.43 -0.20
N HIS A 229 3.17 2.43 0.52
CA HIS A 229 4.46 2.67 -0.12
C HIS A 229 4.74 1.61 -1.17
N VAL A 230 4.55 0.35 -0.78
CA VAL A 230 4.73 -0.80 -1.67
C VAL A 230 3.70 -0.80 -2.80
N ALA A 231 2.46 -0.49 -2.47
CA ALA A 231 1.37 -0.42 -3.51
C ALA A 231 1.70 0.66 -4.57
N GLY A 232 2.13 1.86 -4.10
CA GLY A 232 2.54 2.96 -4.96
C GLY A 232 3.75 2.52 -5.80
N LEU A 233 4.73 1.88 -5.16
CA LEU A 233 5.94 1.44 -5.91
C LEU A 233 5.56 0.49 -7.06
N ALA A 234 4.76 -0.51 -6.75
CA ALA A 234 4.28 -1.44 -7.79
C ALA A 234 3.60 -0.67 -8.97
N ALA A 235 2.72 0.31 -8.68
CA ALA A 235 2.05 1.16 -9.69
C ALA A 235 3.12 1.89 -10.56
N TYR A 236 4.10 2.43 -9.87
CA TYR A 236 5.15 3.16 -10.52
C TYR A 236 5.94 2.26 -11.52
N LEU A 237 6.31 1.06 -11.04
CA LEU A 237 7.13 0.10 -11.84
C LEU A 237 6.32 -0.49 -13.00
N MET A 238 5.05 -0.71 -12.75
CA MET A 238 4.12 -1.16 -13.74
C MET A 238 3.98 -0.13 -14.86
N THR A 239 3.81 1.17 -14.52
CA THR A 239 3.84 2.20 -15.56
C THR A 239 5.14 2.22 -16.39
N LEU A 240 6.27 2.00 -15.74
CA LEU A 240 7.63 1.93 -16.36
C LEU A 240 7.81 0.66 -17.19
N GLY A 241 6.92 -0.31 -17.01
CA GLY A 241 7.03 -1.58 -17.85
C GLY A 241 8.08 -2.57 -17.33
N LYS A 242 8.54 -2.38 -16.11
N LYS A 242 8.57 -2.32 -16.12
CA LYS A 242 9.58 -3.23 -15.56
CA LYS A 242 9.55 -3.13 -15.44
C LYS A 242 9.02 -4.48 -14.87
C LYS A 242 8.96 -4.49 -15.06
N THR A 243 7.70 -4.49 -14.65
CA THR A 243 7.02 -5.65 -14.02
C THR A 243 5.51 -5.60 -14.33
N THR A 244 4.77 -6.65 -13.96
CA THR A 244 3.34 -6.80 -14.23
C THR A 244 2.71 -7.04 -12.88
N ALA A 245 1.37 -7.05 -12.84
CA ALA A 245 0.66 -7.37 -11.59
C ALA A 245 1.07 -8.69 -10.96
N ALA A 246 1.20 -9.75 -11.79
CA ALA A 246 1.53 -11.07 -11.29
C ALA A 246 2.92 -11.20 -10.66
N SER A 247 3.87 -10.38 -11.12
N SER A 247 3.91 -10.44 -11.14
CA SER A 247 5.28 -10.56 -10.82
CA SER A 247 5.31 -10.62 -10.72
C SER A 247 5.90 -9.43 -10.00
C SER A 247 5.91 -9.44 -9.96
N ALA A 248 5.13 -8.39 -9.75
CA ALA A 248 5.62 -7.18 -9.09
C ALA A 248 6.17 -7.43 -7.68
N CYS A 249 5.49 -8.26 -6.87
CA CYS A 249 6.00 -8.46 -5.51
C CYS A 249 7.39 -9.08 -5.59
N ARG A 250 7.54 -10.13 -6.42
CA ARG A 250 8.86 -10.74 -6.71
CA ARG A 250 8.86 -10.72 -6.70
C ARG A 250 9.94 -9.72 -7.17
N TYR A 251 9.55 -8.86 -8.10
CA TYR A 251 10.41 -7.83 -8.68
C TYR A 251 10.87 -6.89 -7.57
N ILE A 252 9.93 -6.43 -6.74
CA ILE A 252 10.28 -5.55 -5.67
C ILE A 252 11.24 -6.21 -4.65
N ALA A 253 10.93 -7.42 -4.22
CA ALA A 253 11.90 -8.17 -3.43
C ALA A 253 13.29 -8.41 -4.11
N ASP A 254 13.28 -8.62 -5.43
N ASP A 254 13.34 -8.64 -5.41
CA ASP A 254 14.51 -8.92 -6.24
CA ASP A 254 14.63 -8.92 -6.09
C ASP A 254 15.42 -7.69 -6.18
C ASP A 254 15.41 -7.65 -6.42
N THR A 255 14.78 -6.50 -6.22
CA THR A 255 15.44 -5.23 -6.41
C THR A 255 15.51 -4.42 -5.09
N ALA A 256 15.07 -5.01 -3.98
CA ALA A 256 15.08 -4.34 -2.65
C ALA A 256 16.50 -4.02 -2.14
N ASN A 257 16.63 -3.02 -1.27
CA ASN A 257 17.81 -2.99 -0.42
C ASN A 257 17.85 -4.18 0.55
N LYS A 258 18.99 -4.86 0.59
CA LYS A 258 19.13 -6.13 1.30
C LYS A 258 19.99 -6.00 2.53
N GLY A 259 19.53 -6.59 3.62
CA GLY A 259 20.26 -6.56 4.88
C GLY A 259 20.49 -5.21 5.56
N ASP A 260 19.70 -4.18 5.19
CA ASP A 260 19.78 -2.83 5.83
C ASP A 260 19.09 -2.67 7.17
N LEU A 261 18.11 -3.52 7.45
CA LEU A 261 17.29 -3.39 8.64
C LEU A 261 17.88 -4.10 9.88
N SER A 262 17.67 -3.51 11.04
CA SER A 262 18.08 -4.12 12.28
C SER A 262 16.85 -4.65 12.98
N ASN A 263 17.06 -5.58 13.89
CA ASN A 263 16.00 -6.28 14.67
C ASN A 263 15.04 -7.06 13.74
N ILE A 264 15.60 -7.63 12.67
CA ILE A 264 14.88 -8.59 11.82
C ILE A 264 15.00 -10.02 12.41
N PRO A 265 13.89 -10.68 12.81
CA PRO A 265 14.11 -12.02 13.39
C PRO A 265 14.64 -13.06 12.40
N PHE A 266 15.36 -14.07 12.90
CA PHE A 266 15.76 -15.18 12.04
C PHE A 266 14.51 -15.79 11.32
N GLY A 267 14.60 -15.90 10.00
CA GLY A 267 13.50 -16.49 9.20
C GLY A 267 12.62 -15.46 8.49
N THR A 268 12.82 -14.20 8.87
CA THR A 268 12.17 -13.03 8.21
C THR A 268 13.14 -12.39 7.22
N VAL A 269 12.66 -12.05 6.02
CA VAL A 269 13.42 -11.33 5.01
C VAL A 269 13.96 -9.93 5.45
N ASN A 270 15.18 -9.64 5.06
CA ASN A 270 15.72 -8.34 5.36
C ASN A 270 15.83 -7.63 3.99
N LEU A 271 14.67 -7.08 3.54
CA LEU A 271 14.49 -6.44 2.27
C LEU A 271 13.58 -5.22 2.49
N LEU A 272 14.10 -4.10 2.00
CA LEU A 272 13.41 -2.77 2.11
C LEU A 272 13.15 -2.26 0.67
N ALA A 273 11.88 -1.95 0.43
CA ALA A 273 11.36 -1.54 -0.83
C ALA A 273 12.22 -0.40 -1.43
N TYR A 274 12.60 -0.51 -2.71
CA TYR A 274 13.62 0.40 -3.34
C TYR A 274 13.29 0.64 -4.78
N ASN A 275 13.32 1.88 -5.29
CA ASN A 275 12.90 2.07 -6.71
C ASN A 275 14.01 1.95 -7.81
N ASN A 276 15.26 1.76 -7.36
CA ASN A 276 16.44 1.72 -8.27
C ASN A 276 16.38 2.83 -9.33
N TYR A 277 16.03 4.05 -8.91
CA TYR A 277 15.93 5.11 -9.88
C TYR A 277 17.27 5.80 -10.07
N GLN A 278 17.68 5.91 -11.35
CA GLN A 278 18.99 6.50 -11.74
C GLN A 278 18.72 7.65 -12.66
N ALA A 279 18.93 8.86 -12.14
CA ALA A 279 18.60 10.06 -12.91
C ALA A 279 19.29 10.02 -14.31
#